data_8ZPO
#
_entry.id   8ZPO
#
_cell.length_a   52.089
_cell.length_b   104.363
_cell.length_c   109.102
_cell.angle_alpha   90.00
_cell.angle_beta   90.00
_cell.angle_gamma   90.00
#
_symmetry.space_group_name_H-M   'P 21 21 21'
#
loop_
_entity.id
_entity.type
_entity.pdbx_description
1 polymer 'N-acetylmuramic acid/N-acetylglucosamine kinase'
2 non-polymer 'N-acetyl-beta-muramic acid'
3 non-polymer '2-(N-MORPHOLINO)-ETHANESULFONIC ACID'
4 water water
#
_entity_poly.entity_id   1
_entity_poly.type   'polypeptide(L)'
_entity_poly.pdbx_seq_one_letter_code
;MKYVIGIDGGGSKTHMKISTLDYKVLLEVFKGPSNINSSTKEEVKRVLQELIMEGLGKLGQSLEECSAICIGTAGADRTE
DKSIIEDMIRSLGYMGKIIVVNDAEIALAGGIEKREGIIVISGTGSICYGRNKEGRSARSGGWGHIIGDEGSGYDIGIKA
IKAALKSFDKRGEKTILEGDILDFLKLKSHEDLINYIYRSGVTKKEIASLTRVVNSAYIKGDLVSKRILKEAARELFLSV
KAVVEVLSMQNKKVVLTTAGGVINNINYLYDEFRKFLNLNYPKVKIISMKNDSAFGAVIIARSECD
;
_entity_poly.pdbx_strand_id   A,B
#
loop_
_chem_comp.id
_chem_comp.type
_chem_comp.name
_chem_comp.formula
AMU D-saccharide, beta linking 'N-acetyl-beta-muramic acid' 'C11 H19 N O8'
MES non-polymer '2-(N-MORPHOLINO)-ETHANESULFONIC ACID' 'C6 H13 N O4 S'
#
# COMPACT_ATOMS: atom_id res chain seq x y z
N MET A 1 17.55 -20.72 -24.58
CA MET A 1 18.70 -20.14 -23.88
C MET A 1 18.64 -18.64 -24.11
N LYS A 2 17.78 -18.22 -25.03
CA LYS A 2 17.66 -16.81 -25.39
C LYS A 2 16.84 -16.05 -24.36
N TYR A 3 17.10 -14.76 -24.26
CA TYR A 3 16.46 -13.96 -23.23
C TYR A 3 16.47 -12.50 -23.66
N VAL A 4 15.70 -11.69 -22.93
CA VAL A 4 15.70 -10.24 -23.11
C VAL A 4 15.98 -9.59 -21.77
N ILE A 5 16.44 -8.33 -21.83
CA ILE A 5 16.69 -7.51 -20.66
C ILE A 5 15.79 -6.27 -20.74
N GLY A 6 15.09 -5.98 -19.64
CA GLY A 6 14.43 -4.71 -19.50
C GLY A 6 14.99 -3.94 -18.32
N ILE A 7 15.30 -2.65 -18.50
CA ILE A 7 15.87 -1.81 -17.46
C ILE A 7 14.95 -0.61 -17.25
N ASP A 8 14.57 -0.40 -16.00
CA ASP A 8 13.83 0.79 -15.58
C ASP A 8 14.84 1.71 -14.91
N GLY A 9 15.23 2.77 -15.61
CA GLY A 9 16.09 3.79 -15.03
C GLY A 9 15.26 4.82 -14.30
N GLY A 10 14.72 4.46 -13.15
CA GLY A 10 13.78 5.30 -12.45
C GLY A 10 14.42 6.33 -11.57
N GLY A 11 13.58 7.21 -11.03
CA GLY A 11 14.06 8.23 -10.12
C GLY A 11 14.39 7.75 -8.73
N SER A 12 14.03 6.52 -8.38
CA SER A 12 14.29 5.99 -7.06
C SER A 12 15.27 4.83 -7.05
N LYS A 13 15.27 4.02 -8.11
CA LYS A 13 16.23 2.94 -8.28
C LYS A 13 16.36 2.67 -9.77
N THR A 14 17.49 2.07 -10.16
CA THR A 14 17.62 1.43 -11.46
C THR A 14 17.31 -0.04 -11.25
N HIS A 15 16.38 -0.57 -12.03
CA HIS A 15 15.79 -1.88 -11.80
C HIS A 15 15.80 -2.66 -13.10
N MET A 16 16.50 -3.79 -13.11
CA MET A 16 16.59 -4.65 -14.27
C MET A 16 15.85 -5.95 -14.07
N LYS A 17 15.12 -6.39 -15.10
CA LYS A 17 14.59 -7.75 -15.16
C LYS A 17 15.16 -8.47 -16.37
N ILE A 18 15.50 -9.74 -16.19
CA ILE A 18 15.91 -10.61 -17.28
C ILE A 18 14.81 -11.66 -17.46
N SER A 19 14.33 -11.81 -18.69
CA SER A 19 13.16 -12.62 -18.98
C SER A 19 13.43 -13.56 -20.13
N THR A 20 12.85 -14.76 -20.06
CA THR A 20 12.78 -15.60 -21.24
C THR A 20 11.85 -14.96 -22.26
N LEU A 21 11.85 -15.51 -23.46
CA LEU A 21 10.97 -15.02 -24.55
C LEU A 21 9.48 -15.36 -24.26
N ASP A 22 9.20 -16.24 -23.33
CA ASP A 22 7.79 -16.56 -22.92
C ASP A 22 7.38 -15.78 -21.67
N TYR A 23 8.10 -14.69 -21.40
CA TYR A 23 7.79 -13.76 -20.28
C TYR A 23 7.93 -14.36 -18.89
N LYS A 24 8.79 -15.34 -18.77
CA LYS A 24 9.14 -15.83 -17.44
C LYS A 24 10.33 -15.02 -16.96
N VAL A 25 10.11 -14.21 -15.93
CA VAL A 25 11.18 -13.37 -15.39
C VAL A 25 12.09 -14.24 -14.53
N LEU A 26 13.36 -14.34 -14.94
CA LEU A 26 14.33 -15.23 -14.31
C LEU A 26 14.95 -14.61 -13.07
N LEU A 27 15.16 -13.29 -13.08
CA LEU A 27 15.87 -12.64 -11.99
C LEU A 27 15.71 -11.14 -12.16
N GLU A 28 16.01 -10.41 -11.09
CA GLU A 28 16.03 -8.97 -11.14
C GLU A 28 17.24 -8.46 -10.36
N VAL A 29 17.59 -7.19 -10.60
CA VAL A 29 18.72 -6.54 -9.97
C VAL A 29 18.30 -5.09 -9.72
N PHE A 30 18.75 -4.54 -8.60
CA PHE A 30 18.50 -3.15 -8.25
C PHE A 30 19.84 -2.45 -8.03
N LYS A 31 19.97 -1.25 -8.57
CA LYS A 31 21.07 -0.33 -8.28
C LYS A 31 20.47 1.03 -7.95
N GLY A 32 21.33 1.98 -7.58
CA GLY A 32 20.86 3.32 -7.28
C GLY A 32 20.33 4.00 -8.53
N PRO A 33 19.51 5.04 -8.35
CA PRO A 33 19.06 5.81 -9.50
C PRO A 33 20.22 6.54 -10.15
N SER A 34 20.15 6.70 -11.47
CA SER A 34 21.26 7.31 -12.20
C SER A 34 20.72 7.97 -13.47
N ASN A 35 20.87 9.30 -13.54
CA ASN A 35 20.24 10.15 -14.55
C ASN A 35 21.36 11.07 -15.07
N ILE A 36 21.50 11.17 -16.40
CA ILE A 36 22.61 11.96 -16.96
C ILE A 36 22.49 13.45 -16.68
N ASN A 37 21.38 13.91 -16.11
CA ASN A 37 21.23 15.31 -15.75
C ASN A 37 21.59 15.58 -14.30
N SER A 38 21.84 14.54 -13.51
CA SER A 38 22.22 14.71 -12.12
C SER A 38 23.47 13.92 -11.75
N SER A 39 23.99 13.10 -12.66
CA SER A 39 25.24 12.39 -12.48
C SER A 39 26.10 12.60 -13.72
N THR A 40 27.41 12.41 -13.58
CA THR A 40 28.27 12.48 -14.75
C THR A 40 27.98 11.30 -15.68
N LYS A 41 28.36 11.46 -16.94
CA LYS A 41 28.22 10.38 -17.90
C LYS A 41 28.97 9.14 -17.43
N GLU A 42 30.18 9.33 -16.91
CA GLU A 42 30.96 8.19 -16.43
C GLU A 42 30.27 7.47 -15.29
N GLU A 43 29.60 8.20 -14.40
CA GLU A 43 28.92 7.57 -13.27
C GLU A 43 27.68 6.79 -13.72
N VAL A 44 26.90 7.35 -14.65
CA VAL A 44 25.75 6.63 -15.18
C VAL A 44 26.20 5.37 -15.88
N LYS A 45 27.25 5.46 -16.70
CA LYS A 45 27.79 4.30 -17.38
C LYS A 45 28.18 3.22 -16.37
N ARG A 46 28.82 3.61 -15.28
CA ARG A 46 29.26 2.63 -14.28
C ARG A 46 28.06 1.94 -13.61
N VAL A 47 27.01 2.70 -13.29
CA VAL A 47 25.81 2.09 -12.70
C VAL A 47 25.21 1.07 -13.67
N LEU A 48 25.02 1.46 -14.92
CA LEU A 48 24.37 0.56 -15.88
C LEU A 48 25.22 -0.69 -16.12
N GLN A 49 26.53 -0.53 -16.20
CA GLN A 49 27.41 -1.68 -16.42
C GLN A 49 27.36 -2.62 -15.24
N GLU A 50 27.43 -2.08 -14.02
CA GLU A 50 27.39 -2.93 -12.84
C GLU A 50 26.04 -3.63 -12.71
N LEU A 51 24.96 -2.91 -13.01
CA LEU A 51 23.63 -3.49 -13.00
C LEU A 51 23.55 -4.72 -13.92
N ILE A 52 23.97 -4.53 -15.17
CA ILE A 52 23.88 -5.61 -16.15
C ILE A 52 24.81 -6.76 -15.79
N MET A 53 26.06 -6.45 -15.45
CA MET A 53 27.00 -7.52 -15.09
C MET A 53 26.55 -8.32 -13.88
N GLU A 54 25.94 -7.68 -12.87
CA GLU A 54 25.44 -8.43 -11.73
C GLU A 54 24.36 -9.42 -12.15
N GLY A 55 23.46 -8.98 -13.03
CA GLY A 55 22.40 -9.87 -13.50
C GLY A 55 22.95 -11.02 -14.33
N LEU A 56 23.91 -10.74 -15.21
CA LEU A 56 24.51 -11.80 -16.00
C LEU A 56 25.23 -12.81 -15.11
N GLY A 57 25.84 -12.36 -14.02
CA GLY A 57 26.46 -13.29 -13.10
C GLY A 57 25.45 -14.24 -12.48
N LYS A 58 24.31 -13.71 -12.05
CA LYS A 58 23.26 -14.56 -11.49
C LYS A 58 22.64 -15.46 -12.55
N LEU A 59 22.60 -14.99 -13.80
CA LEU A 59 22.04 -15.78 -14.90
C LEU A 59 22.95 -16.92 -15.30
N GLY A 60 24.26 -16.73 -15.22
CA GLY A 60 25.22 -17.72 -15.66
C GLY A 60 25.43 -17.77 -17.15
N GLN A 61 25.14 -16.67 -17.85
CA GLN A 61 25.29 -16.57 -19.29
C GLN A 61 25.79 -15.18 -19.62
N SER A 62 26.48 -15.08 -20.75
CA SER A 62 26.93 -13.79 -21.27
C SER A 62 25.78 -13.12 -22.02
N LEU A 63 26.06 -11.92 -22.56
CA LEU A 63 25.12 -11.19 -23.40
C LEU A 63 24.92 -11.82 -24.77
N GLU A 64 25.64 -12.89 -25.09
CA GLU A 64 25.62 -13.38 -26.47
C GLU A 64 24.23 -13.84 -26.89
N GLU A 65 23.48 -14.48 -25.99
CA GLU A 65 22.13 -14.94 -26.30
C GLU A 65 21.05 -13.94 -25.91
N CYS A 66 21.43 -12.71 -25.58
CA CYS A 66 20.42 -11.68 -25.29
C CYS A 66 19.89 -11.13 -26.60
N SER A 67 18.59 -11.35 -26.86
CA SER A 67 18.00 -10.96 -28.13
C SER A 67 17.74 -9.45 -28.20
N ALA A 68 17.47 -8.80 -27.07
CA ALA A 68 17.14 -7.39 -27.09
C ALA A 68 17.28 -6.84 -25.69
N ILE A 69 17.69 -5.57 -25.59
CA ILE A 69 17.72 -4.82 -24.34
C ILE A 69 16.88 -3.58 -24.56
N CYS A 70 15.89 -3.37 -23.68
CA CYS A 70 15.16 -2.11 -23.64
C CYS A 70 15.48 -1.43 -22.31
N ILE A 71 15.91 -0.17 -22.38
CA ILE A 71 16.06 0.66 -21.21
C ILE A 71 15.14 1.87 -21.33
N GLY A 72 14.29 2.04 -20.32
CA GLY A 72 13.49 3.25 -20.21
C GLY A 72 14.01 4.05 -19.04
N THR A 73 14.59 5.20 -19.32
CA THR A 73 15.27 5.94 -18.27
C THR A 73 14.77 7.38 -18.21
N ALA A 74 14.80 7.92 -17.00
CA ALA A 74 14.66 9.35 -16.81
C ALA A 74 15.87 10.04 -17.41
N GLY A 75 15.66 11.21 -17.99
CA GLY A 75 16.76 12.09 -18.30
C GLY A 75 17.30 12.06 -19.71
N ALA A 76 16.83 11.16 -20.58
CA ALA A 76 17.50 10.95 -21.87
C ALA A 76 16.52 10.88 -23.04
N ASP A 77 15.50 11.74 -23.06
CA ASP A 77 14.44 11.64 -24.05
C ASP A 77 14.83 12.19 -25.42
N ARG A 78 15.89 12.99 -25.51
CA ARG A 78 16.27 13.63 -26.76
C ARG A 78 17.14 12.70 -27.60
N THR A 79 17.13 12.95 -28.92
CA THR A 79 17.79 12.04 -29.85
C THR A 79 19.25 11.82 -29.48
N GLU A 80 19.98 12.89 -29.18
CA GLU A 80 21.39 12.74 -28.85
C GLU A 80 21.59 12.02 -27.52
N ASP A 81 20.64 12.19 -26.59
CA ASP A 81 20.71 11.52 -25.30
C ASP A 81 20.52 10.01 -25.46
N LYS A 82 19.62 9.60 -26.36
CA LYS A 82 19.43 8.18 -26.62
C LYS A 82 20.70 7.53 -27.13
N SER A 83 21.47 8.25 -27.95
CA SER A 83 22.74 7.72 -28.42
C SER A 83 23.75 7.57 -27.29
N ILE A 84 23.76 8.52 -26.35
CA ILE A 84 24.65 8.44 -25.18
C ILE A 84 24.36 7.17 -24.39
N ILE A 85 23.11 6.88 -24.10
CA ILE A 85 22.75 5.67 -23.32
C ILE A 85 23.06 4.42 -24.16
N GLU A 86 22.73 4.43 -25.44
CA GLU A 86 23.02 3.25 -26.30
C GLU A 86 24.52 2.93 -26.26
N ASP A 87 25.36 3.94 -26.34
CA ASP A 87 26.80 3.70 -26.32
C ASP A 87 27.26 3.10 -25.00
N MET A 88 26.61 3.49 -23.90
CA MET A 88 26.95 2.93 -22.60
C MET A 88 26.72 1.43 -22.57
N ILE A 89 25.65 0.97 -23.22
CA ILE A 89 25.33 -0.45 -23.27
C ILE A 89 26.20 -1.17 -24.29
N ARG A 90 26.46 -0.54 -25.44
CA ARG A 90 27.39 -1.12 -26.41
C ARG A 90 28.78 -1.29 -25.82
N SER A 91 29.14 -0.46 -24.83
CA SER A 91 30.44 -0.56 -24.18
C SER A 91 30.66 -1.92 -23.53
N LEU A 92 29.60 -2.65 -23.26
CA LEU A 92 29.67 -4.01 -22.71
C LEU A 92 29.93 -5.05 -23.79
N GLY A 93 30.15 -4.62 -25.03
CA GLY A 93 30.27 -5.54 -26.14
C GLY A 93 28.98 -6.14 -26.60
N TYR A 94 27.84 -5.53 -26.26
CA TYR A 94 26.55 -6.06 -26.65
C TYR A 94 26.34 -5.89 -28.14
N MET A 95 25.88 -6.94 -28.80
CA MET A 95 25.78 -6.98 -30.25
C MET A 95 24.34 -6.90 -30.77
N GLY A 96 23.34 -6.97 -29.91
CA GLY A 96 21.95 -7.09 -30.32
C GLY A 96 21.21 -5.76 -30.37
N LYS A 97 19.89 -5.84 -30.34
CA LYS A 97 19.04 -4.67 -30.48
C LYS A 97 18.99 -3.92 -29.16
N ILE A 98 19.17 -2.60 -29.20
CA ILE A 98 19.04 -1.74 -28.04
C ILE A 98 17.90 -0.75 -28.31
N ILE A 99 16.90 -0.74 -27.44
CA ILE A 99 15.77 0.18 -27.54
C ILE A 99 15.85 1.13 -26.34
N VAL A 100 16.12 2.40 -26.59
CA VAL A 100 16.18 3.41 -25.53
C VAL A 100 14.91 4.25 -25.62
N VAL A 101 14.16 4.28 -24.52
CA VAL A 101 12.93 5.06 -24.41
C VAL A 101 12.97 5.79 -23.07
N ASN A 102 11.93 6.58 -22.80
CA ASN A 102 11.92 7.26 -21.51
C ASN A 102 11.24 6.40 -20.45
N ASP A 103 11.35 6.83 -19.19
CA ASP A 103 10.78 6.03 -18.11
C ASP A 103 9.27 6.00 -18.14
N ALA A 104 8.62 7.02 -18.74
CA ALA A 104 7.16 6.98 -18.83
C ALA A 104 6.71 5.95 -19.84
N GLU A 105 7.48 5.77 -20.92
CA GLU A 105 7.07 4.83 -21.95
C GLU A 105 7.04 3.40 -21.43
N ILE A 106 8.01 3.02 -20.59
CA ILE A 106 8.01 1.66 -20.03
C ILE A 106 6.95 1.52 -18.93
N ALA A 107 6.68 2.60 -18.19
CA ALA A 107 5.58 2.58 -17.23
C ALA A 107 4.24 2.39 -17.94
N LEU A 108 4.08 3.01 -19.11
CA LEU A 108 2.86 2.80 -19.88
C LEU A 108 2.75 1.35 -20.37
N ALA A 109 3.83 0.82 -20.92
CA ALA A 109 3.83 -0.56 -21.40
C ALA A 109 3.57 -1.55 -20.26
N GLY A 110 4.25 -1.39 -19.12
CA GLY A 110 4.02 -2.29 -18.01
C GLY A 110 2.67 -2.09 -17.34
N GLY A 111 2.23 -0.83 -17.24
CA GLY A 111 1.03 -0.54 -16.48
C GLY A 111 -0.24 -0.89 -17.25
N ILE A 112 -0.24 -0.67 -18.55
CA ILE A 112 -1.42 -0.83 -19.38
C ILE A 112 -1.31 -2.01 -20.35
N GLU A 113 -0.10 -2.50 -20.66
CA GLU A 113 0.15 -3.61 -21.56
C GLU A 113 -0.20 -3.29 -23.02
N LYS A 114 -0.32 -2.01 -23.35
CA LYS A 114 -0.72 -1.55 -24.67
C LYS A 114 0.06 -0.29 -25.00
N ARG A 115 -0.09 0.17 -26.24
CA ARG A 115 0.59 1.38 -26.71
C ARG A 115 -0.20 2.64 -26.39
N GLU A 116 -1.51 2.54 -26.31
CA GLU A 116 -2.38 3.70 -26.11
C GLU A 116 -2.64 3.89 -24.62
N GLY A 117 -2.62 5.13 -24.18
CA GLY A 117 -2.96 5.46 -22.80
C GLY A 117 -2.17 6.67 -22.33
N ILE A 118 -2.36 6.99 -21.05
CA ILE A 118 -1.67 8.10 -20.40
C ILE A 118 -1.02 7.60 -19.13
N ILE A 119 0.21 8.06 -18.89
CA ILE A 119 0.92 7.77 -17.65
C ILE A 119 1.30 9.08 -17.00
N VAL A 120 1.08 9.18 -15.69
CA VAL A 120 1.68 10.23 -14.87
C VAL A 120 2.68 9.59 -13.92
N ILE A 121 3.91 10.10 -13.92
CA ILE A 121 4.91 9.73 -12.92
C ILE A 121 4.99 10.86 -11.91
N SER A 122 4.90 10.51 -10.63
CA SER A 122 5.35 11.42 -9.59
C SER A 122 6.07 10.59 -8.53
N GLY A 123 7.39 10.62 -8.60
CA GLY A 123 8.28 9.94 -7.68
C GLY A 123 9.32 10.97 -7.28
N THR A 124 10.59 10.69 -7.58
CA THR A 124 11.60 11.73 -7.38
C THR A 124 11.34 12.91 -8.31
N GLY A 125 11.04 12.63 -9.59
CA GLY A 125 10.62 13.60 -10.54
C GLY A 125 9.18 13.40 -10.99
N SER A 126 8.78 14.17 -12.00
CA SER A 126 7.41 14.04 -12.50
C SER A 126 7.37 14.30 -14.00
N ILE A 127 6.40 13.66 -14.65
CA ILE A 127 6.16 13.83 -16.09
C ILE A 127 4.77 13.29 -16.40
N CYS A 128 4.18 13.75 -17.50
CA CYS A 128 3.03 13.10 -18.10
C CYS A 128 3.35 12.74 -19.55
N TYR A 129 3.04 11.50 -19.93
CA TYR A 129 3.28 11.03 -21.29
C TYR A 129 2.04 10.29 -21.73
N GLY A 130 1.67 10.47 -22.97
CA GLY A 130 0.54 9.69 -23.49
C GLY A 130 0.68 9.41 -24.97
N ARG A 131 -0.13 8.47 -25.41
CA ARG A 131 -0.25 8.14 -26.84
C ARG A 131 -1.72 7.90 -27.13
N ASN A 132 -2.26 8.51 -28.17
CA ASN A 132 -3.70 8.41 -28.50
C ASN A 132 -3.98 7.21 -29.42
N LYS A 133 -5.24 7.09 -29.86
CA LYS A 133 -5.65 5.99 -30.77
C LYS A 133 -5.04 6.17 -32.17
N GLU A 134 -4.58 7.35 -32.52
CA GLU A 134 -3.89 7.63 -33.81
C GLU A 134 -2.42 7.19 -33.75
N GLY A 135 -1.92 6.79 -32.57
CA GLY A 135 -0.54 6.38 -32.36
C GLY A 135 0.40 7.55 -32.14
N ARG A 136 -0.14 8.73 -31.95
CA ARG A 136 0.70 9.94 -31.75
C ARG A 136 0.91 10.15 -30.26
N SER A 137 2.15 10.44 -29.92
CA SER A 137 2.52 10.66 -28.52
C SER A 137 2.72 12.14 -28.20
N ALA A 138 2.61 12.48 -26.93
CA ALA A 138 2.89 13.81 -26.42
C ALA A 138 3.36 13.67 -24.99
N ARG A 139 4.06 14.69 -24.51
CA ARG A 139 4.48 14.74 -23.12
C ARG A 139 4.33 16.16 -22.60
N SER A 140 4.19 16.26 -21.29
CA SER A 140 4.26 17.56 -20.63
C SER A 140 5.04 17.37 -19.33
N GLY A 141 5.63 18.47 -18.83
CA GLY A 141 6.45 18.28 -17.64
C GLY A 141 7.72 17.52 -17.98
N GLY A 142 8.31 16.94 -16.94
CA GLY A 142 9.51 16.15 -17.13
C GLY A 142 10.78 16.94 -17.38
N TRP A 143 10.83 18.21 -16.96
CA TRP A 143 11.96 19.07 -17.25
C TRP A 143 13.05 19.02 -16.18
N GLY A 144 12.94 18.13 -15.20
CA GLY A 144 14.02 17.88 -14.27
C GLY A 144 13.91 18.72 -13.00
N HIS A 145 14.86 18.49 -12.09
CA HIS A 145 14.72 18.98 -10.73
C HIS A 145 14.98 20.48 -10.57
N ILE A 146 15.59 21.14 -11.55
CA ILE A 146 15.87 22.58 -11.48
C ILE A 146 14.80 23.40 -12.18
N ILE A 147 14.46 23.04 -13.42
CA ILE A 147 13.50 23.81 -14.23
C ILE A 147 12.18 23.08 -14.41
N GLY A 148 11.89 22.09 -13.57
CA GLY A 148 10.63 21.38 -13.72
C GLY A 148 10.29 20.55 -12.50
N ASP A 149 9.74 19.36 -12.77
CA ASP A 149 9.37 18.39 -11.74
C ASP A 149 8.33 18.95 -10.77
N GLU A 150 7.44 19.80 -11.29
CA GLU A 150 6.34 20.29 -10.47
C GLU A 150 5.48 19.13 -9.99
N GLY A 151 5.15 19.13 -8.71
CA GLY A 151 4.31 18.09 -8.16
C GLY A 151 5.02 16.79 -7.87
N SER A 152 6.34 16.71 -8.10
CA SER A 152 7.14 15.55 -7.77
C SER A 152 7.48 15.55 -6.28
N GLY A 153 8.03 14.42 -5.82
CA GLY A 153 8.54 14.36 -4.46
C GLY A 153 9.67 15.33 -4.20
N TYR A 154 10.55 15.53 -5.18
CA TYR A 154 11.63 16.49 -4.99
C TYR A 154 11.04 17.89 -4.77
N ASP A 155 10.06 18.26 -5.60
CA ASP A 155 9.39 19.56 -5.46
C ASP A 155 8.71 19.68 -4.10
N ILE A 156 8.01 18.63 -3.66
CA ILE A 156 7.36 18.65 -2.35
C ILE A 156 8.39 18.82 -1.24
N GLY A 157 9.53 18.13 -1.35
CA GLY A 157 10.56 18.25 -0.33
C GLY A 157 11.16 19.65 -0.24
N ILE A 158 11.45 20.26 -1.38
CA ILE A 158 11.94 21.62 -1.40
C ILE A 158 10.90 22.56 -0.80
N LYS A 159 9.64 22.39 -1.18
CA LYS A 159 8.60 23.26 -0.66
C LYS A 159 8.39 23.07 0.83
N ALA A 160 8.57 21.84 1.33
CA ALA A 160 8.48 21.60 2.76
C ALA A 160 9.58 22.35 3.49
N ILE A 161 10.81 22.29 2.97
CA ILE A 161 11.91 23.01 3.62
C ILE A 161 11.66 24.50 3.59
N LYS A 162 11.25 25.02 2.44
CA LYS A 162 11.00 26.46 2.36
C LYS A 162 9.89 26.88 3.31
N ALA A 163 8.85 26.06 3.44
CA ALA A 163 7.78 26.37 4.40
C ALA A 163 8.28 26.31 5.84
N ALA A 164 9.12 25.33 6.18
CA ALA A 164 9.69 25.27 7.52
C ALA A 164 10.55 26.50 7.80
N LEU A 165 11.34 26.94 6.81
CA LEU A 165 12.21 28.09 7.01
C LEU A 165 11.40 29.38 7.14
N LYS A 166 10.33 29.52 6.35
CA LYS A 166 9.48 30.71 6.48
C LYS A 166 8.73 30.71 7.80
N SER A 167 8.38 29.54 8.31
CA SER A 167 7.78 29.46 9.64
C SER A 167 8.76 29.93 10.69
N PHE A 168 10.01 29.46 10.59
CA PHE A 168 11.08 29.81 11.52
C PHE A 168 11.46 31.28 11.44
N ASP A 169 11.57 31.83 10.24
CA ASP A 169 12.05 33.21 10.12
C ASP A 169 10.95 34.24 10.03
N LYS A 170 9.69 33.82 10.13
CA LYS A 170 8.49 34.64 10.30
C LYS A 170 7.95 35.21 9.00
N ARG A 171 8.47 34.78 7.85
CA ARG A 171 7.90 35.18 6.58
C ARG A 171 6.60 34.44 6.25
N GLY A 172 6.34 33.29 6.87
CA GLY A 172 5.23 32.46 6.47
C GLY A 172 4.46 31.94 7.65
N GLU A 173 3.34 31.28 7.32
CA GLU A 173 2.45 30.63 8.26
C GLU A 173 3.20 29.63 9.13
N LYS A 174 2.87 29.61 10.41
CA LYS A 174 3.40 28.58 11.30
C LYS A 174 3.02 27.20 10.79
N THR A 175 3.97 26.28 10.83
CA THR A 175 3.73 24.90 10.44
C THR A 175 4.59 23.99 11.31
N ILE A 176 4.06 22.81 11.63
CA ILE A 176 4.85 21.84 12.37
C ILE A 176 5.99 21.26 11.54
N LEU A 177 6.01 21.52 10.23
CA LEU A 177 7.18 21.21 9.44
C LEU A 177 8.41 21.90 9.99
N GLU A 178 8.24 23.07 10.63
CA GLU A 178 9.38 23.80 11.18
C GLU A 178 10.29 22.90 11.98
N GLY A 179 9.74 22.15 12.92
CA GLY A 179 10.49 21.21 13.72
C GLY A 179 10.53 19.79 13.16
N ASP A 180 9.46 19.35 12.48
CA ASP A 180 9.42 17.97 12.00
C ASP A 180 10.51 17.68 10.98
N ILE A 181 10.83 18.66 10.12
CA ILE A 181 11.89 18.44 9.13
C ILE A 181 13.23 18.24 9.83
N LEU A 182 13.53 19.08 10.83
CA LEU A 182 14.79 18.94 11.55
C LEU A 182 14.86 17.60 12.26
N ASP A 183 13.74 17.15 12.83
CA ASP A 183 13.73 15.88 13.53
C ASP A 183 14.02 14.73 12.57
N PHE A 184 13.42 14.79 11.38
CA PHE A 184 13.58 13.71 10.42
C PHE A 184 15.03 13.63 9.94
N LEU A 185 15.70 14.78 9.81
CA LEU A 185 17.07 14.86 9.35
C LEU A 185 18.08 14.84 10.49
N LYS A 186 17.60 14.73 11.74
CA LYS A 186 18.46 14.69 12.92
C LYS A 186 19.37 15.92 12.99
N LEU A 187 18.81 17.08 12.69
CA LEU A 187 19.53 18.35 12.77
C LEU A 187 19.02 19.15 13.96
N LYS A 188 19.95 19.84 14.64
CA LYS A 188 19.59 20.61 15.82
C LYS A 188 18.90 21.92 15.47
N SER A 189 19.37 22.63 14.45
CA SER A 189 18.89 23.98 14.18
C SER A 189 18.64 24.16 12.70
N HIS A 190 17.84 25.18 12.38
CA HIS A 190 17.57 25.47 10.97
C HIS A 190 18.82 25.88 10.23
N GLU A 191 19.76 26.56 10.91
CA GLU A 191 21.03 26.91 10.27
C GLU A 191 21.76 25.69 9.76
N ASP A 192 21.55 24.53 10.39
CA ASP A 192 22.20 23.30 9.93
C ASP A 192 21.70 22.82 8.58
N LEU A 193 20.56 23.32 8.09
CA LEU A 193 20.10 22.97 6.75
C LEU A 193 21.03 23.51 5.67
N ILE A 194 21.80 24.56 5.96
CA ILE A 194 22.74 25.08 4.95
C ILE A 194 23.76 24.01 4.60
N ASN A 195 24.46 23.46 5.60
CA ASN A 195 25.47 22.46 5.30
C ASN A 195 24.82 21.21 4.72
N TYR A 196 23.63 20.85 5.20
CA TYR A 196 22.94 19.67 4.68
C TYR A 196 22.63 19.81 3.20
N ILE A 197 22.09 20.96 2.80
CA ILE A 197 21.64 21.13 1.42
C ILE A 197 22.79 21.45 0.48
N TYR A 198 23.76 22.27 0.92
CA TYR A 198 24.75 22.81 0.01
C TYR A 198 26.12 22.15 0.10
N ARG A 199 26.40 21.39 1.16
CA ARG A 199 27.78 20.96 1.42
C ARG A 199 27.91 19.50 1.80
N SER A 200 26.88 18.69 1.63
CA SER A 200 26.93 17.31 2.12
C SER A 200 26.70 16.28 1.02
N GLY A 201 26.61 16.69 -0.24
CA GLY A 201 26.30 15.74 -1.30
C GLY A 201 24.90 15.14 -1.21
N VAL A 202 23.93 15.93 -0.73
CA VAL A 202 22.56 15.45 -0.65
C VAL A 202 22.06 15.07 -2.04
N THR A 203 21.26 14.00 -2.10
CA THR A 203 20.72 13.52 -3.38
C THR A 203 19.29 13.98 -3.56
N LYS A 204 18.84 13.94 -4.82
CA LYS A 204 17.43 14.23 -5.10
C LYS A 204 16.51 13.29 -4.33
N LYS A 205 16.89 12.01 -4.21
CA LYS A 205 16.07 11.06 -3.50
C LYS A 205 15.94 11.43 -2.03
N GLU A 206 17.02 11.90 -1.43
CA GLU A 206 16.97 12.32 -0.03
C GLU A 206 16.02 13.51 0.14
N ILE A 207 16.08 14.49 -0.77
CA ILE A 207 15.15 15.61 -0.69
C ILE A 207 13.71 15.13 -0.87
N ALA A 208 13.49 14.25 -1.85
CA ALA A 208 12.15 13.75 -2.10
C ALA A 208 11.60 12.97 -0.91
N SER A 209 12.48 12.38 -0.10
CA SER A 209 12.01 11.59 1.04
C SER A 209 11.29 12.45 2.07
N LEU A 210 11.52 13.76 2.05
CA LEU A 210 10.79 14.67 2.94
C LEU A 210 9.30 14.69 2.66
N THR A 211 8.86 14.14 1.52
CA THR A 211 7.42 13.98 1.29
C THR A 211 6.77 13.18 2.41
N ARG A 212 7.51 12.24 3.01
CA ARG A 212 6.99 11.48 4.14
C ARG A 212 6.65 12.38 5.30
N VAL A 213 7.48 13.40 5.54
CA VAL A 213 7.26 14.34 6.64
C VAL A 213 6.03 15.19 6.38
N VAL A 214 5.84 15.61 5.13
CA VAL A 214 4.66 16.38 4.76
C VAL A 214 3.40 15.55 4.95
N ASN A 215 3.42 14.29 4.53
CA ASN A 215 2.26 13.44 4.70
C ASN A 215 1.95 13.23 6.18
N SER A 216 2.97 12.93 7.00
CA SER A 216 2.73 12.77 8.43
C SER A 216 2.14 14.03 9.05
N ALA A 217 2.68 15.18 8.67
CA ALA A 217 2.18 16.43 9.24
C ALA A 217 0.74 16.70 8.79
N TYR A 218 0.41 16.38 7.52
CA TYR A 218 -0.96 16.54 7.05
C TYR A 218 -1.92 15.71 7.89
N ILE A 219 -1.52 14.47 8.22
CA ILE A 219 -2.36 13.59 9.01
C ILE A 219 -2.54 14.12 10.43
N LYS A 220 -1.58 14.91 10.92
CA LYS A 220 -1.69 15.57 12.21
C LYS A 220 -2.47 16.88 12.14
N GLY A 221 -3.02 17.23 10.97
CA GLY A 221 -3.84 18.40 10.84
C GLY A 221 -3.12 19.65 10.38
N ASP A 222 -1.86 19.56 9.97
CA ASP A 222 -1.10 20.76 9.60
C ASP A 222 -1.62 21.33 8.28
N LEU A 223 -1.99 22.61 8.31
CA LEU A 223 -2.62 23.23 7.16
C LEU A 223 -1.64 23.52 6.02
N VAL A 224 -0.43 23.97 6.35
CA VAL A 224 0.56 24.20 5.30
C VAL A 224 0.85 22.91 4.54
N SER A 225 1.01 21.79 5.26
CA SER A 225 1.31 20.53 4.60
C SER A 225 0.16 20.09 3.71
N LYS A 226 -1.09 20.25 4.18
CA LYS A 226 -2.22 19.93 3.31
C LYS A 226 -2.18 20.74 2.03
N ARG A 227 -1.87 22.04 2.14
CA ARG A 227 -1.79 22.88 0.95
C ARG A 227 -0.69 22.44 0.00
N ILE A 228 0.49 22.05 0.52
CA ILE A 228 1.54 21.54 -0.36
C ILE A 228 1.06 20.32 -1.14
N LEU A 229 0.39 19.38 -0.48
CA LEU A 229 -0.08 18.19 -1.17
C LEU A 229 -1.15 18.51 -2.19
N LYS A 230 -2.08 19.42 -1.84
CA LYS A 230 -3.13 19.82 -2.77
C LYS A 230 -2.55 20.46 -4.02
N GLU A 231 -1.58 21.36 -3.83
CA GLU A 231 -0.98 22.04 -4.98
C GLU A 231 -0.18 21.09 -5.84
N ALA A 232 0.46 20.09 -5.25
CA ALA A 232 1.16 19.09 -6.03
C ALA A 232 0.18 18.30 -6.90
N ALA A 233 -0.95 17.91 -6.32
CA ALA A 233 -1.97 17.21 -7.10
C ALA A 233 -2.43 18.04 -8.29
N ARG A 234 -2.64 19.35 -8.06
CA ARG A 234 -3.06 20.22 -9.15
C ARG A 234 -2.00 20.27 -10.25
N GLU A 235 -0.72 20.35 -9.90
CA GLU A 235 0.32 20.36 -10.92
C GLU A 235 0.30 19.08 -11.73
N LEU A 236 0.09 17.94 -11.08
CA LEU A 236 0.02 16.70 -11.82
C LEU A 236 -1.19 16.68 -12.73
N PHE A 237 -2.32 17.20 -12.26
CA PHE A 237 -3.49 17.28 -13.12
C PHE A 237 -3.21 18.16 -14.33
N LEU A 238 -2.56 19.31 -14.13
CA LEU A 238 -2.24 20.17 -15.28
C LEU A 238 -1.42 19.43 -16.32
N SER A 239 -0.50 18.56 -15.89
CA SER A 239 0.29 17.81 -16.87
C SER A 239 -0.59 16.87 -17.69
N VAL A 240 -1.62 16.29 -17.08
CA VAL A 240 -2.55 15.42 -17.83
C VAL A 240 -3.41 16.25 -18.78
N LYS A 241 -3.96 17.35 -18.28
CA LYS A 241 -4.77 18.23 -19.12
C LYS A 241 -4.01 18.64 -20.38
N ALA A 242 -2.72 18.95 -20.24
CA ALA A 242 -1.92 19.37 -21.38
C ALA A 242 -1.83 18.26 -22.41
N VAL A 243 -1.52 17.04 -21.96
CA VAL A 243 -1.36 15.92 -22.89
C VAL A 243 -2.70 15.54 -23.54
N VAL A 244 -3.77 15.53 -22.75
CA VAL A 244 -5.10 15.22 -23.27
C VAL A 244 -5.50 16.21 -24.37
N GLU A 245 -5.28 17.50 -24.12
CA GLU A 245 -5.63 18.53 -25.09
C GLU A 245 -4.77 18.39 -26.34
N VAL A 246 -3.45 18.23 -26.16
CA VAL A 246 -2.54 18.13 -27.31
C VAL A 246 -2.91 16.94 -28.19
N LEU A 247 -3.31 15.83 -27.58
CA LEU A 247 -3.61 14.60 -28.31
C LEU A 247 -5.07 14.51 -28.73
N SER A 248 -5.85 15.57 -28.49
CA SER A 248 -7.25 15.64 -28.94
C SER A 248 -8.12 14.57 -28.30
N MET A 249 -7.90 14.32 -27.01
CA MET A 249 -8.58 13.26 -26.29
C MET A 249 -9.56 13.81 -25.26
N GLN A 250 -9.90 15.11 -25.34
CA GLN A 250 -10.80 15.74 -24.37
C GLN A 250 -12.12 15.01 -24.23
N ASN A 251 -12.62 14.41 -25.31
CA ASN A 251 -13.95 13.79 -25.30
C ASN A 251 -13.89 12.30 -25.61
N LYS A 252 -12.75 11.66 -25.40
CA LYS A 252 -12.57 10.28 -25.82
C LYS A 252 -12.27 9.38 -24.63
N LYS A 253 -12.63 8.11 -24.77
CA LYS A 253 -12.24 7.11 -23.79
C LYS A 253 -10.73 6.96 -23.81
N VAL A 254 -10.11 7.02 -22.63
CA VAL A 254 -8.67 6.92 -22.47
C VAL A 254 -8.43 6.12 -21.19
N VAL A 255 -7.41 5.27 -21.18
CA VAL A 255 -6.96 4.63 -19.94
C VAL A 255 -5.75 5.39 -19.41
N LEU A 256 -5.77 5.70 -18.12
CA LEU A 256 -4.69 6.42 -17.47
C LEU A 256 -4.21 5.62 -16.27
N THR A 257 -2.89 5.61 -16.07
CA THR A 257 -2.34 5.01 -14.86
C THR A 257 -1.24 5.91 -14.31
N THR A 258 -0.73 5.53 -13.14
CA THR A 258 0.14 6.39 -12.36
C THR A 258 1.27 5.56 -11.78
N ALA A 259 2.48 6.13 -11.76
CA ALA A 259 3.67 5.49 -11.25
C ALA A 259 4.42 6.47 -10.35
N GLY A 260 5.14 5.92 -9.38
CA GLY A 260 5.95 6.72 -8.50
C GLY A 260 5.37 6.76 -7.09
N GLY A 261 6.26 6.94 -6.11
CA GLY A 261 5.93 6.86 -4.70
C GLY A 261 5.18 8.03 -4.13
N VAL A 262 5.04 9.13 -4.86
CA VAL A 262 4.26 10.26 -4.37
C VAL A 262 2.80 10.03 -4.74
N ILE A 263 2.52 9.99 -6.05
CA ILE A 263 1.14 9.86 -6.51
C ILE A 263 0.49 8.57 -6.01
N ASN A 264 1.25 7.48 -5.87
CA ASN A 264 0.65 6.20 -5.53
C ASN A 264 0.58 5.93 -4.03
N ASN A 265 1.23 6.73 -3.19
CA ASN A 265 1.29 6.48 -1.76
C ASN A 265 0.42 7.40 -0.94
N ILE A 266 0.22 8.65 -1.35
CA ILE A 266 -0.43 9.65 -0.53
C ILE A 266 -1.93 9.70 -0.85
N ASN A 267 -2.77 9.17 0.06
CA ASN A 267 -4.19 9.07 -0.23
C ASN A 267 -4.79 10.40 -0.67
N TYR A 268 -4.48 11.47 0.07
CA TYR A 268 -5.09 12.78 -0.21
C TYR A 268 -4.66 13.29 -1.57
N LEU A 269 -3.38 13.16 -1.90
CA LEU A 269 -2.89 13.66 -3.18
C LEU A 269 -3.49 12.86 -4.34
N TYR A 270 -3.52 11.52 -4.21
CA TYR A 270 -4.14 10.68 -5.22
C TYR A 270 -5.61 11.02 -5.41
N ASP A 271 -6.32 11.23 -4.29
CA ASP A 271 -7.75 11.54 -4.35
C ASP A 271 -7.99 12.89 -5.01
N GLU A 272 -7.18 13.89 -4.68
CA GLU A 272 -7.34 15.21 -5.31
C GLU A 272 -7.09 15.12 -6.81
N PHE A 273 -6.03 14.41 -7.20
CA PHE A 273 -5.73 14.20 -8.61
C PHE A 273 -6.89 13.52 -9.32
N ARG A 274 -7.38 12.42 -8.74
CA ARG A 274 -8.51 11.69 -9.34
C ARG A 274 -9.77 12.55 -9.44
N LYS A 275 -10.03 13.38 -8.42
CA LYS A 275 -11.21 14.23 -8.45
C LYS A 275 -11.15 15.21 -9.62
N PHE A 276 -9.97 15.79 -9.87
CA PHE A 276 -9.81 16.69 -11.01
C PHE A 276 -10.10 15.96 -12.31
N LEU A 277 -9.58 14.73 -12.46
CA LEU A 277 -9.79 13.99 -13.70
C LEU A 277 -11.24 13.58 -13.87
N ASN A 278 -11.88 13.08 -12.80
CA ASN A 278 -13.25 12.60 -12.92
C ASN A 278 -14.20 13.73 -13.28
N LEU A 279 -13.93 14.95 -12.83
CA LEU A 279 -14.81 16.06 -13.16
C LEU A 279 -14.57 16.58 -14.57
N ASN A 280 -13.30 16.77 -14.94
CA ASN A 280 -12.97 17.41 -16.21
C ASN A 280 -12.95 16.44 -17.39
N TYR A 281 -12.58 15.19 -17.17
CA TYR A 281 -12.45 14.21 -18.24
C TYR A 281 -13.04 12.90 -17.76
N PRO A 282 -14.37 12.84 -17.64
CA PRO A 282 -15.01 11.63 -17.09
C PRO A 282 -14.78 10.39 -17.91
N LYS A 283 -14.42 10.51 -19.18
CA LYS A 283 -14.15 9.31 -19.96
C LYS A 283 -12.73 8.78 -19.79
N VAL A 284 -11.91 9.45 -18.99
CA VAL A 284 -10.61 8.89 -18.63
C VAL A 284 -10.82 7.86 -17.53
N LYS A 285 -10.47 6.61 -17.83
CA LYS A 285 -10.58 5.50 -16.88
C LYS A 285 -9.23 5.33 -16.18
N ILE A 286 -9.23 5.48 -14.86
CA ILE A 286 -8.00 5.43 -14.07
C ILE A 286 -7.83 4.01 -13.52
N ILE A 287 -6.67 3.41 -13.78
CA ILE A 287 -6.39 2.06 -13.31
C ILE A 287 -5.04 2.02 -12.60
N SER A 288 -4.83 0.97 -11.82
CA SER A 288 -3.51 0.71 -11.28
C SER A 288 -2.64 0.01 -12.31
N MET A 289 -1.34 0.09 -12.13
CA MET A 289 -0.43 -0.55 -13.08
C MET A 289 -0.50 -2.06 -12.98
N LYS A 290 -0.66 -2.72 -14.13
CA LYS A 290 -0.74 -4.18 -14.17
C LYS A 290 0.59 -4.84 -13.83
N ASN A 291 1.69 -4.24 -14.24
CA ASN A 291 3.04 -4.72 -13.95
C ASN A 291 3.92 -3.51 -13.68
N ASP A 292 5.14 -3.77 -13.21
CA ASP A 292 6.05 -2.66 -12.96
C ASP A 292 6.73 -2.17 -14.24
N SER A 293 7.52 -1.12 -14.10
CA SER A 293 8.13 -0.49 -15.26
C SER A 293 9.22 -1.38 -15.86
N ALA A 294 9.96 -2.10 -15.01
CA ALA A 294 10.98 -2.99 -15.55
C ALA A 294 10.35 -4.06 -16.43
N PHE A 295 9.18 -4.57 -16.03
CA PHE A 295 8.48 -5.53 -16.89
C PHE A 295 7.97 -4.86 -18.15
N GLY A 296 7.57 -3.58 -18.07
CA GLY A 296 7.23 -2.84 -19.28
C GLY A 296 8.39 -2.79 -20.25
N ALA A 297 9.61 -2.61 -19.75
CA ALA A 297 10.79 -2.64 -20.62
C ALA A 297 10.97 -4.03 -21.22
N VAL A 298 10.69 -5.08 -20.45
CA VAL A 298 10.71 -6.44 -20.98
C VAL A 298 9.70 -6.59 -22.12
N ILE A 299 8.49 -6.02 -21.96
CA ILE A 299 7.49 -6.10 -23.02
C ILE A 299 8.00 -5.42 -24.28
N ILE A 300 8.56 -4.21 -24.14
CA ILE A 300 9.02 -3.50 -25.31
C ILE A 300 10.14 -4.26 -26.00
N ALA A 301 11.05 -4.85 -25.22
CA ALA A 301 12.17 -5.58 -25.81
C ALA A 301 11.70 -6.85 -26.48
N ARG A 302 10.88 -7.64 -25.79
CA ARG A 302 10.43 -8.92 -26.35
C ARG A 302 9.54 -8.72 -27.55
N SER A 303 8.74 -7.65 -27.56
CA SER A 303 7.84 -7.41 -28.67
C SER A 303 8.57 -7.13 -29.98
N GLU A 304 9.84 -6.70 -29.91
CA GLU A 304 10.67 -6.53 -31.10
C GLU A 304 11.33 -7.82 -31.55
N CYS A 305 11.17 -8.92 -30.82
CA CYS A 305 11.75 -10.20 -31.19
C CYS A 305 10.68 -11.07 -31.83
N ASP A 306 11.10 -11.97 -32.70
CA ASP A 306 10.16 -12.78 -33.47
C ASP A 306 9.25 -13.63 -32.59
N MET B 1 -17.80 23.32 11.17
CA MET B 1 -18.77 22.36 11.68
C MET B 1 -18.79 21.10 10.83
N LYS B 2 -17.95 21.08 9.80
CA LYS B 2 -17.82 19.90 8.95
C LYS B 2 -17.09 18.79 9.70
N TYR B 3 -17.45 17.55 9.36
CA TYR B 3 -16.84 16.39 10.01
C TYR B 3 -16.88 15.22 9.05
N VAL B 4 -16.09 14.19 9.37
CA VAL B 4 -16.17 12.91 8.67
C VAL B 4 -16.43 11.80 9.68
N ILE B 5 -16.92 10.67 9.16
CA ILE B 5 -17.15 9.47 9.93
C ILE B 5 -16.27 8.36 9.38
N GLY B 6 -15.54 7.69 10.28
CA GLY B 6 -14.83 6.46 9.93
C GLY B 6 -15.34 5.31 10.78
N ILE B 7 -15.70 4.20 10.14
CA ILE B 7 -16.22 3.03 10.82
C ILE B 7 -15.32 1.84 10.53
N ASP B 8 -14.89 1.16 11.60
CA ASP B 8 -14.13 -0.09 11.53
C ASP B 8 -15.10 -1.21 11.88
N GLY B 9 -15.54 -1.96 10.88
CA GLY B 9 -16.36 -3.13 11.12
C GLY B 9 -15.48 -4.33 11.37
N GLY B 10 -14.91 -4.42 12.57
CA GLY B 10 -13.91 -5.42 12.85
C GLY B 10 -14.49 -6.73 13.35
N GLY B 11 -13.60 -7.71 13.53
CA GLY B 11 -14.00 -9.00 14.05
C GLY B 11 -14.27 -9.04 15.54
N SER B 12 -13.87 -8.01 16.27
CA SER B 12 -14.07 -7.95 17.71
C SER B 12 -15.13 -6.95 18.14
N LYS B 13 -15.23 -5.82 17.42
CA LYS B 13 -16.25 -4.82 17.67
C LYS B 13 -16.37 -3.97 16.42
N THR B 14 -17.50 -3.28 16.31
CA THR B 14 -17.68 -2.20 15.34
C THR B 14 -17.34 -0.90 16.06
N HIS B 15 -16.44 -0.11 15.48
CA HIS B 15 -15.84 1.03 16.16
C HIS B 15 -15.89 2.22 15.23
N MET B 16 -16.56 3.30 15.65
CA MET B 16 -16.72 4.49 14.83
C MET B 16 -15.98 5.65 15.48
N LYS B 17 -15.28 6.43 14.66
CA LYS B 17 -14.75 7.72 15.07
C LYS B 17 -15.36 8.82 14.23
N ILE B 18 -15.63 9.92 14.88
CA ILE B 18 -16.09 11.15 14.18
C ILE B 18 -14.97 12.18 14.38
N SER B 19 -14.57 12.79 13.29
CA SER B 19 -13.41 13.69 13.31
C SER B 19 -13.76 14.96 12.55
N THR B 20 -13.04 16.01 12.93
CA THR B 20 -13.03 17.29 12.18
C THR B 20 -12.16 17.04 10.93
N LEU B 21 -12.17 18.00 10.01
CA LEU B 21 -11.32 17.89 8.80
C LEU B 21 -9.83 18.11 9.10
N ASP B 22 -9.48 18.63 10.25
CA ASP B 22 -8.06 18.76 10.66
C ASP B 22 -7.62 17.56 11.53
N TYR B 23 -8.37 16.45 11.46
CA TYR B 23 -8.02 15.17 12.12
C TYR B 23 -8.11 15.19 13.64
N LYS B 24 -8.92 16.07 14.21
CA LYS B 24 -9.17 16.04 15.67
C LYS B 24 -10.40 15.14 15.88
N VAL B 25 -10.16 14.02 16.53
CA VAL B 25 -11.23 13.07 16.77
C VAL B 25 -12.10 13.59 17.91
N LEU B 26 -13.39 13.76 17.64
CA LEU B 26 -14.32 14.35 18.59
C LEU B 26 -14.91 13.31 19.54
N LEU B 27 -15.15 12.09 19.06
CA LEU B 27 -15.81 11.06 19.85
C LEU B 27 -15.61 9.73 19.16
N GLU B 28 -15.83 8.66 19.92
CA GLU B 28 -15.82 7.32 19.37
C GLU B 28 -16.93 6.50 20.01
N VAL B 29 -17.42 5.52 19.26
CA VAL B 29 -18.55 4.70 19.66
C VAL B 29 -18.20 3.25 19.35
N PHE B 30 -18.68 2.34 20.20
CA PHE B 30 -18.47 0.91 20.01
C PHE B 30 -19.81 0.18 19.98
N LYS B 31 -19.94 -0.77 19.05
CA LYS B 31 -21.03 -1.73 19.04
C LYS B 31 -20.44 -3.12 18.79
N GLY B 32 -21.31 -4.12 18.82
CA GLY B 32 -20.85 -5.48 18.61
C GLY B 32 -20.33 -5.65 17.20
N PRO B 33 -19.50 -6.67 17.00
CA PRO B 33 -19.06 -6.99 15.62
C PRO B 33 -20.26 -7.47 14.83
N SER B 34 -20.28 -7.14 13.54
CA SER B 34 -21.43 -7.46 12.71
C SER B 34 -20.95 -7.64 11.26
N ASN B 35 -21.07 -8.86 10.77
CA ASN B 35 -20.52 -9.30 9.49
C ASN B 35 -21.67 -9.99 8.77
N ILE B 36 -21.90 -9.63 7.50
CA ILE B 36 -23.04 -10.19 6.77
C ILE B 36 -22.92 -11.68 6.49
N ASN B 37 -21.79 -12.30 6.82
CA ASN B 37 -21.64 -13.73 6.67
C ASN B 37 -21.91 -14.52 7.95
N SER B 38 -22.11 -13.83 9.07
CA SER B 38 -22.44 -14.47 10.34
C SER B 38 -23.65 -13.85 11.02
N SER B 39 -24.19 -12.77 10.49
CA SER B 39 -25.44 -12.16 10.94
C SER B 39 -26.32 -11.89 9.74
N THR B 40 -27.61 -11.74 10.00
CA THR B 40 -28.52 -11.42 8.91
C THR B 40 -28.28 -9.98 8.44
N LYS B 41 -28.74 -9.71 7.22
CA LYS B 41 -28.65 -8.34 6.71
C LYS B 41 -29.38 -7.37 7.63
N GLU B 42 -30.56 -7.77 8.12
CA GLU B 42 -31.29 -6.89 9.02
C GLU B 42 -30.53 -6.65 10.32
N GLU B 43 -29.84 -7.67 10.83
CA GLU B 43 -29.05 -7.49 12.05
C GLU B 43 -27.87 -6.54 11.81
N VAL B 44 -27.16 -6.70 10.69
CA VAL B 44 -26.04 -5.80 10.40
C VAL B 44 -26.53 -4.37 10.22
N LYS B 45 -27.64 -4.20 9.49
CA LYS B 45 -28.21 -2.88 9.29
C LYS B 45 -28.52 -2.21 10.63
N ARG B 46 -29.10 -2.97 11.57
CA ARG B 46 -29.43 -2.42 12.87
C ARG B 46 -28.17 -1.99 13.63
N VAL B 47 -27.13 -2.80 13.60
CA VAL B 47 -25.87 -2.43 14.27
C VAL B 47 -25.35 -1.10 13.71
N LEU B 48 -25.29 -0.99 12.39
CA LEU B 48 -24.74 0.22 11.78
C LEU B 48 -25.62 1.42 12.08
N GLN B 49 -26.95 1.24 12.07
CA GLN B 49 -27.84 2.36 12.39
C GLN B 49 -27.66 2.81 13.84
N GLU B 50 -27.60 1.86 14.78
CA GLU B 50 -27.44 2.21 16.18
C GLU B 50 -26.08 2.84 16.44
N LEU B 51 -25.04 2.33 15.77
CA LEU B 51 -23.70 2.89 15.91
C LEU B 51 -23.67 4.35 15.49
N ILE B 52 -24.17 4.63 14.28
CA ILE B 52 -24.11 5.99 13.76
C ILE B 52 -24.99 6.93 14.58
N MET B 53 -26.20 6.49 14.93
CA MET B 53 -27.10 7.34 15.70
C MET B 53 -26.57 7.65 17.09
N GLU B 54 -25.87 6.72 17.73
CA GLU B 54 -25.27 7.04 19.02
C GLU B 54 -24.26 8.17 18.87
N GLY B 55 -23.40 8.09 17.85
CA GLY B 55 -22.42 9.15 17.64
C GLY B 55 -23.07 10.47 17.30
N LEU B 56 -24.09 10.46 16.44
CA LEU B 56 -24.73 11.71 16.05
C LEU B 56 -25.46 12.36 17.22
N GLY B 57 -26.08 11.55 18.08
CA GLY B 57 -26.80 12.10 19.21
C GLY B 57 -25.90 12.88 20.15
N LYS B 58 -24.68 12.37 20.34
CA LYS B 58 -23.71 13.06 21.18
C LYS B 58 -23.06 14.22 20.43
N LEU B 59 -22.85 14.06 19.12
CA LEU B 59 -22.27 15.14 18.33
C LEU B 59 -23.21 16.35 18.29
N GLY B 60 -24.52 16.10 18.28
CA GLY B 60 -25.48 17.18 18.19
C GLY B 60 -25.60 17.79 16.81
N GLN B 61 -25.31 17.02 15.76
CA GLN B 61 -25.42 17.47 14.39
C GLN B 61 -26.09 16.37 13.57
N SER B 62 -26.77 16.79 12.50
CA SER B 62 -27.40 15.83 11.61
C SER B 62 -26.34 15.18 10.71
N LEU B 63 -26.74 14.04 10.12
CA LEU B 63 -25.88 13.32 9.19
C LEU B 63 -25.62 14.10 7.91
N GLU B 64 -26.51 15.04 7.56
CA GLU B 64 -26.34 15.80 6.33
C GLU B 64 -25.15 16.75 6.39
N GLU B 65 -24.69 17.12 7.58
CA GLU B 65 -23.50 17.94 7.72
C GLU B 65 -22.19 17.13 7.64
N CYS B 66 -22.28 15.82 7.43
CA CYS B 66 -21.10 14.97 7.35
C CYS B 66 -20.52 15.05 5.94
N SER B 67 -19.23 15.34 5.83
CA SER B 67 -18.60 15.53 4.52
C SER B 67 -18.32 14.23 3.80
N ALA B 68 -18.11 13.12 4.52
CA ALA B 68 -17.82 11.83 3.92
C ALA B 68 -17.86 10.77 5.02
N ILE B 69 -18.27 9.57 4.62
CA ILE B 69 -18.28 8.39 5.48
C ILE B 69 -17.42 7.33 4.82
N CYS B 70 -16.51 6.74 5.58
CA CYS B 70 -15.80 5.54 5.14
C CYS B 70 -16.07 4.43 6.14
N ILE B 71 -16.48 3.27 5.63
CA ILE B 71 -16.59 2.06 6.43
C ILE B 71 -15.67 1.00 5.84
N GLY B 72 -14.83 0.43 6.69
CA GLY B 72 -14.01 -0.70 6.29
C GLY B 72 -14.50 -1.87 7.10
N THR B 73 -15.06 -2.88 6.46
CA THR B 73 -15.68 -3.95 7.23
C THR B 73 -15.22 -5.31 6.76
N ALA B 74 -15.18 -6.23 7.72
CA ALA B 74 -15.06 -7.63 7.39
C ALA B 74 -16.33 -8.10 6.69
N GLY B 75 -16.17 -9.04 5.76
CA GLY B 75 -17.31 -9.75 5.24
C GLY B 75 -17.91 -9.24 3.95
N ALA B 76 -17.47 -8.08 3.42
CA ALA B 76 -18.22 -7.45 2.34
C ALA B 76 -17.33 -6.95 1.21
N ASP B 77 -16.31 -7.72 0.82
CA ASP B 77 -15.32 -7.25 -0.13
C ASP B 77 -15.82 -7.27 -1.57
N ARG B 78 -16.84 -8.06 -1.88
CA ARG B 78 -17.32 -8.22 -3.24
C ARG B 78 -18.17 -7.01 -3.66
N THR B 79 -18.21 -6.77 -4.97
CA THR B 79 -18.84 -5.56 -5.49
C THR B 79 -20.30 -5.44 -5.02
N GLU B 80 -21.05 -6.52 -5.12
CA GLU B 80 -22.46 -6.50 -4.71
C GLU B 80 -22.58 -6.28 -3.20
N ASP B 81 -21.63 -6.83 -2.42
CA ASP B 81 -21.66 -6.65 -0.97
C ASP B 81 -21.44 -5.19 -0.58
N LYS B 82 -20.54 -4.50 -1.30
CA LYS B 82 -20.29 -3.09 -1.02
C LYS B 82 -21.55 -2.27 -1.20
N SER B 83 -22.33 -2.58 -2.24
CA SER B 83 -23.59 -1.87 -2.46
C SER B 83 -24.58 -2.13 -1.33
N ILE B 84 -24.60 -3.35 -0.82
CA ILE B 84 -25.47 -3.70 0.30
C ILE B 84 -25.14 -2.85 1.52
N ILE B 85 -23.86 -2.78 1.87
CA ILE B 85 -23.42 -1.99 3.03
C ILE B 85 -23.71 -0.50 2.81
N GLU B 86 -23.41 0.00 1.62
CA GLU B 86 -23.70 1.40 1.32
C GLU B 86 -25.17 1.72 1.54
N ASP B 87 -26.05 0.84 1.05
CA ASP B 87 -27.48 1.06 1.21
C ASP B 87 -27.90 1.08 2.67
N MET B 88 -27.26 0.28 3.53
CA MET B 88 -27.62 0.31 4.94
C MET B 88 -27.33 1.67 5.56
N ILE B 89 -26.22 2.29 5.16
CA ILE B 89 -25.90 3.61 5.69
C ILE B 89 -26.79 4.68 5.09
N ARG B 90 -27.01 4.61 3.77
CA ARG B 90 -27.85 5.61 3.11
C ARG B 90 -29.30 5.54 3.55
N SER B 91 -29.74 4.40 4.07
CA SER B 91 -31.11 4.27 4.58
C SER B 91 -31.41 5.31 5.65
N LEU B 92 -30.39 5.78 6.36
CA LEU B 92 -30.56 6.80 7.40
C LEU B 92 -30.85 8.18 6.82
N GLY B 93 -30.66 8.37 5.52
CA GLY B 93 -30.82 9.67 4.93
C GLY B 93 -29.48 10.38 4.85
N TYR B 94 -28.70 10.04 3.84
CA TYR B 94 -27.41 10.65 3.61
C TYR B 94 -27.19 10.72 2.11
N MET B 95 -26.84 11.91 1.61
CA MET B 95 -26.63 12.14 0.19
C MET B 95 -25.19 12.43 -0.15
N GLY B 96 -24.26 12.22 0.78
CA GLY B 96 -22.86 12.49 0.54
C GLY B 96 -22.07 11.27 0.12
N LYS B 97 -20.75 11.40 0.19
CA LYS B 97 -19.84 10.36 -0.23
C LYS B 97 -19.80 9.25 0.81
N ILE B 98 -20.01 8.01 0.38
CA ILE B 98 -19.77 6.82 1.19
C ILE B 98 -18.71 5.98 0.49
N ILE B 99 -17.66 5.65 1.23
CA ILE B 99 -16.57 4.81 0.72
C ILE B 99 -16.59 3.49 1.50
N VAL B 100 -16.87 2.39 0.81
CA VAL B 100 -16.92 1.06 1.44
C VAL B 100 -15.69 0.29 1.00
N VAL B 101 -14.86 -0.08 1.97
CA VAL B 101 -13.66 -0.88 1.74
C VAL B 101 -13.67 -2.03 2.75
N ASN B 102 -12.67 -2.90 2.66
CA ASN B 102 -12.61 -3.99 3.63
C ASN B 102 -11.87 -3.56 4.89
N ASP B 103 -11.92 -4.40 5.93
CA ASP B 103 -11.30 -4.05 7.19
C ASP B 103 -9.77 -3.99 7.11
N ALA B 104 -9.16 -4.73 6.18
CA ALA B 104 -7.70 -4.66 6.02
C ALA B 104 -7.28 -3.34 5.40
N GLU B 105 -8.09 -2.78 4.50
CA GLU B 105 -7.72 -1.52 3.85
C GLU B 105 -7.64 -0.37 4.84
N ILE B 106 -8.57 -0.32 5.80
CA ILE B 106 -8.52 0.74 6.81
C ILE B 106 -7.43 0.49 7.84
N ALA B 107 -7.11 -0.79 8.11
CA ALA B 107 -5.99 -1.08 9.00
C ALA B 107 -4.69 -0.64 8.36
N LEU B 108 -4.58 -0.80 7.04
CA LEU B 108 -3.38 -0.33 6.36
C LEU B 108 -3.28 1.18 6.41
N ALA B 109 -4.39 1.87 6.10
CA ALA B 109 -4.40 3.33 6.14
C ALA B 109 -4.08 3.85 7.53
N GLY B 110 -4.68 3.28 8.56
CA GLY B 110 -4.41 3.75 9.91
C GLY B 110 -3.03 3.34 10.40
N GLY B 111 -2.58 2.16 9.98
CA GLY B 111 -1.31 1.66 10.48
C GLY B 111 -0.10 2.31 9.85
N ILE B 112 -0.17 2.58 8.54
CA ILE B 112 0.97 3.14 7.81
C ILE B 112 0.75 4.56 7.31
N GLU B 113 -0.50 5.07 7.30
CA GLU B 113 -0.83 6.42 6.88
C GLU B 113 -0.58 6.66 5.40
N LYS B 114 -0.48 5.60 4.61
CA LYS B 114 -0.16 5.67 3.20
C LYS B 114 -0.91 4.53 2.51
N ARG B 115 -0.83 4.50 1.18
CA ARG B 115 -1.52 3.47 0.39
C ARG B 115 -0.68 2.21 0.20
N GLU B 116 0.65 2.32 0.21
CA GLU B 116 1.54 1.22 -0.15
C GLU B 116 1.97 0.48 1.12
N GLY B 117 1.81 -0.83 1.12
CA GLY B 117 2.26 -1.63 2.23
C GLY B 117 1.49 -2.93 2.29
N ILE B 118 1.78 -3.71 3.34
CA ILE B 118 1.10 -4.98 3.55
C ILE B 118 0.55 -4.98 4.98
N ILE B 119 -0.67 -5.51 5.12
CA ILE B 119 -1.30 -5.70 6.42
C ILE B 119 -1.68 -7.17 6.57
N VAL B 120 -1.40 -7.72 7.74
CA VAL B 120 -1.98 -8.99 8.17
C VAL B 120 -2.89 -8.72 9.35
N ILE B 121 -4.13 -9.20 9.27
CA ILE B 121 -5.05 -9.22 10.39
C ILE B 121 -5.06 -10.64 10.94
N SER B 122 -4.88 -10.78 12.25
CA SER B 122 -5.27 -12.02 12.93
C SER B 122 -5.92 -11.63 14.26
N GLY B 123 -7.25 -11.64 14.26
CA GLY B 123 -8.07 -11.39 15.42
C GLY B 123 -9.09 -12.50 15.48
N THR B 124 -10.38 -12.18 15.43
CA THR B 124 -11.38 -13.22 15.26
C THR B 124 -11.17 -13.98 13.97
N GLY B 125 -10.92 -13.26 12.87
CA GLY B 125 -10.63 -13.84 11.57
C GLY B 125 -9.24 -13.44 11.12
N SER B 126 -8.86 -13.78 9.88
CA SER B 126 -7.54 -13.43 9.39
C SER B 126 -7.60 -13.17 7.90
N ILE B 127 -6.68 -12.32 7.43
CA ILE B 127 -6.54 -11.98 6.01
C ILE B 127 -5.17 -11.33 5.85
N CYS B 128 -4.64 -11.35 4.63
CA CYS B 128 -3.53 -10.49 4.25
C CYS B 128 -3.97 -9.65 3.05
N TYR B 129 -3.69 -8.34 3.11
CA TYR B 129 -3.97 -7.42 2.01
C TYR B 129 -2.74 -6.57 1.79
N GLY B 130 -2.43 -6.27 0.53
CA GLY B 130 -1.33 -5.37 0.25
C GLY B 130 -1.55 -4.57 -1.01
N ARG B 131 -0.76 -3.50 -1.13
CA ARG B 131 -0.75 -2.70 -2.34
C ARG B 131 0.70 -2.35 -2.60
N ASN B 132 1.16 -2.56 -3.84
CA ASN B 132 2.54 -2.34 -4.19
C ASN B 132 2.77 -0.89 -4.61
N LYS B 133 4.03 -0.56 -4.93
CA LYS B 133 4.36 0.82 -5.28
C LYS B 133 3.70 1.24 -6.60
N GLU B 134 3.37 0.28 -7.45
CA GLU B 134 2.65 0.55 -8.70
C GLU B 134 1.14 0.72 -8.49
N GLY B 135 0.67 0.67 -7.25
CA GLY B 135 -0.70 0.97 -6.93
C GLY B 135 -1.66 -0.18 -7.03
N ARG B 136 -1.18 -1.39 -7.32
CA ARG B 136 -2.05 -2.55 -7.50
C ARG B 136 -2.17 -3.29 -6.18
N SER B 137 -3.37 -3.73 -5.85
CA SER B 137 -3.62 -4.43 -4.61
C SER B 137 -3.86 -5.92 -4.85
N ALA B 138 -3.68 -6.70 -3.78
CA ALA B 138 -4.00 -8.12 -3.78
C ALA B 138 -4.34 -8.54 -2.36
N ARG B 139 -5.00 -9.69 -2.26
CA ARG B 139 -5.34 -10.24 -0.95
C ARG B 139 -5.17 -11.75 -0.99
N SER B 140 -4.95 -12.33 0.19
CA SER B 140 -5.01 -13.77 0.35
C SER B 140 -5.65 -14.08 1.69
N GLY B 141 -6.22 -15.29 1.80
CA GLY B 141 -6.96 -15.59 3.01
C GLY B 141 -8.25 -14.77 3.07
N GLY B 142 -8.74 -14.58 4.29
CA GLY B 142 -9.96 -13.82 4.45
C GLY B 142 -11.24 -14.53 4.01
N TRP B 143 -11.25 -15.85 3.96
CA TRP B 143 -12.41 -16.58 3.45
C TRP B 143 -13.42 -16.94 4.54
N GLY B 144 -13.25 -16.45 5.77
CA GLY B 144 -14.26 -16.60 6.79
C GLY B 144 -14.07 -17.82 7.65
N HIS B 145 -14.94 -17.95 8.65
CA HIS B 145 -14.71 -18.88 9.75
C HIS B 145 -14.98 -20.34 9.38
N ILE B 146 -15.62 -20.62 8.25
CA ILE B 146 -15.92 -21.99 7.85
C ILE B 146 -14.92 -22.50 6.82
N ILE B 147 -14.66 -21.71 5.78
CA ILE B 147 -13.78 -22.11 4.70
C ILE B 147 -12.47 -21.33 4.70
N GLY B 148 -12.12 -20.69 5.81
CA GLY B 148 -10.88 -19.95 5.85
C GLY B 148 -10.44 -19.61 7.25
N ASP B 149 -9.89 -18.40 7.39
CA ASP B 149 -9.45 -17.86 8.68
C ASP B 149 -8.34 -18.70 9.31
N GLU B 150 -7.49 -19.30 8.47
CA GLU B 150 -6.32 -20.01 8.97
C GLU B 150 -5.43 -19.06 9.77
N GLY B 151 -5.03 -19.51 10.95
CA GLY B 151 -4.15 -18.71 11.79
C GLY B 151 -4.84 -17.61 12.56
N SER B 152 -6.16 -17.51 12.46
CA SER B 152 -6.95 -16.57 13.25
C SER B 152 -7.17 -17.09 14.67
N GLY B 153 -7.71 -16.19 15.50
CA GLY B 153 -8.12 -16.60 16.84
C GLY B 153 -9.21 -17.65 16.82
N TYR B 154 -10.18 -17.51 15.91
CA TYR B 154 -11.22 -18.52 15.81
C TYR B 154 -10.61 -19.89 15.50
N ASP B 155 -9.70 -19.92 14.52
CA ASP B 155 -9.03 -21.16 14.15
C ASP B 155 -8.25 -21.74 15.32
N ILE B 156 -7.52 -20.90 16.05
CA ILE B 156 -6.77 -21.37 17.22
C ILE B 156 -7.71 -21.95 18.26
N GLY B 157 -8.86 -21.30 18.49
CA GLY B 157 -9.81 -21.81 19.47
C GLY B 157 -10.38 -23.16 19.07
N ILE B 158 -10.75 -23.31 17.79
CA ILE B 158 -11.26 -24.60 17.31
C ILE B 158 -10.19 -25.66 17.47
N LYS B 159 -8.96 -25.34 17.08
CA LYS B 159 -7.88 -26.31 17.20
C LYS B 159 -7.59 -26.66 18.65
N ALA B 160 -7.74 -25.69 19.55
CA ALA B 160 -7.54 -25.97 20.97
C ALA B 160 -8.58 -26.94 21.48
N ILE B 161 -9.84 -26.74 21.09
CA ILE B 161 -10.90 -27.67 21.49
C ILE B 161 -10.63 -29.06 20.92
N LYS B 162 -10.30 -29.14 19.62
CA LYS B 162 -10.04 -30.45 19.01
C LYS B 162 -8.88 -31.16 19.71
N ALA B 163 -7.81 -30.43 20.03
CA ALA B 163 -6.68 -31.04 20.72
C ALA B 163 -7.08 -31.49 22.12
N ALA B 164 -7.90 -30.72 22.82
CA ALA B 164 -8.38 -31.14 24.13
C ALA B 164 -9.20 -32.41 24.05
N LEU B 165 -10.08 -32.50 23.03
CA LEU B 165 -10.94 -33.66 22.87
C LEU B 165 -10.12 -34.89 22.48
N LYS B 166 -9.13 -34.72 21.60
CA LYS B 166 -8.25 -35.83 21.25
C LYS B 166 -7.42 -36.29 22.44
N SER B 167 -7.02 -35.36 23.31
CA SER B 167 -6.33 -35.76 24.52
C SER B 167 -7.25 -36.60 25.39
N PHE B 168 -8.50 -36.14 25.55
CA PHE B 168 -9.51 -36.80 26.37
C PHE B 168 -9.89 -38.18 25.82
N ASP B 169 -10.08 -38.31 24.51
CA ASP B 169 -10.56 -39.56 23.94
C ASP B 169 -9.44 -40.46 23.42
N LYS B 170 -8.18 -40.06 23.58
CA LYS B 170 -6.98 -40.88 23.37
C LYS B 170 -6.56 -40.96 21.92
N ARG B 171 -7.12 -40.12 21.05
CA ARG B 171 -6.64 -40.04 19.68
C ARG B 171 -5.40 -39.20 19.54
N GLY B 172 -5.08 -38.34 20.51
CA GLY B 172 -3.99 -37.39 20.36
C GLY B 172 -3.14 -37.29 21.61
N GLU B 173 -2.08 -36.51 21.46
CA GLU B 173 -1.13 -36.26 22.53
C GLU B 173 -1.81 -35.63 23.74
N LYS B 174 -1.40 -36.05 24.93
CA LYS B 174 -1.90 -35.41 26.14
C LYS B 174 -1.54 -33.93 26.14
N THR B 175 -2.49 -33.11 26.58
CA THR B 175 -2.28 -31.68 26.68
C THR B 175 -3.08 -31.16 27.87
N ILE B 176 -2.54 -30.15 28.56
CA ILE B 176 -3.28 -29.50 29.66
C ILE B 176 -4.46 -28.70 29.15
N LEU B 177 -4.57 -28.50 27.83
CA LEU B 177 -5.79 -27.94 27.27
C LEU B 177 -7.00 -28.80 27.61
N GLU B 178 -6.78 -30.11 27.83
CA GLU B 178 -7.87 -31.02 28.16
C GLU B 178 -8.72 -30.50 29.31
N GLY B 179 -8.09 -30.12 30.41
CA GLY B 179 -8.81 -29.52 31.52
C GLY B 179 -8.88 -28.01 31.50
N ASP B 180 -7.86 -27.34 30.93
CA ASP B 180 -7.82 -25.88 30.97
C ASP B 180 -8.98 -25.26 30.17
N ILE B 181 -9.38 -25.91 29.07
CA ILE B 181 -10.50 -25.35 28.30
C ILE B 181 -11.79 -25.43 29.09
N LEU B 182 -12.02 -26.57 29.76
CA LEU B 182 -13.23 -26.73 30.56
C LEU B 182 -13.25 -25.73 31.72
N ASP B 183 -12.09 -25.51 32.35
CA ASP B 183 -12.04 -24.55 33.44
C ASP B 183 -12.38 -23.15 32.95
N PHE B 184 -11.84 -22.75 31.80
CA PHE B 184 -12.08 -21.41 31.27
C PHE B 184 -13.55 -21.20 30.96
N LEU B 185 -14.22 -22.23 30.43
CA LEU B 185 -15.62 -22.18 30.03
C LEU B 185 -16.57 -22.55 31.16
N LYS B 186 -16.02 -22.89 32.34
CA LYS B 186 -16.82 -23.27 33.50
C LYS B 186 -17.72 -24.49 33.21
N LEU B 187 -17.15 -25.48 32.54
CA LEU B 187 -17.86 -26.70 32.18
C LEU B 187 -17.28 -27.87 32.96
N LYS B 188 -18.15 -28.77 33.42
CA LYS B 188 -17.70 -29.89 34.23
C LYS B 188 -17.03 -30.98 33.41
N SER B 189 -17.59 -31.32 32.25
CA SER B 189 -17.12 -32.46 31.46
C SER B 189 -16.99 -32.09 30.00
N HIS B 190 -16.20 -32.89 29.28
CA HIS B 190 -16.05 -32.67 27.84
C HIS B 190 -17.36 -32.83 27.08
N GLU B 191 -18.25 -33.70 27.58
CA GLU B 191 -19.57 -33.85 26.96
C GLU B 191 -20.32 -32.54 26.93
N ASP B 192 -20.07 -31.66 27.90
CA ASP B 192 -20.75 -30.36 27.95
C ASP B 192 -20.33 -29.43 26.82
N LEU B 193 -19.23 -29.72 26.14
CA LEU B 193 -18.85 -28.92 24.97
C LEU B 193 -19.86 -29.06 23.83
N ILE B 194 -20.63 -30.15 23.79
CA ILE B 194 -21.61 -30.30 22.71
C ILE B 194 -22.66 -29.21 22.79
N ASN B 195 -23.30 -29.04 23.95
CA ASN B 195 -24.30 -28.00 24.07
C ASN B 195 -23.68 -26.61 23.93
N TYR B 196 -22.47 -26.43 24.45
CA TYR B 196 -21.80 -25.14 24.33
C TYR B 196 -21.59 -24.76 22.88
N ILE B 197 -21.06 -25.67 22.06
CA ILE B 197 -20.71 -25.34 20.69
C ILE B 197 -21.93 -25.32 19.77
N TYR B 198 -22.86 -26.26 19.94
CA TYR B 198 -23.90 -26.47 18.94
C TYR B 198 -25.26 -25.92 19.31
N ARG B 199 -25.50 -25.59 20.59
CA ARG B 199 -26.87 -25.29 21.00
C ARG B 199 -27.01 -24.03 21.85
N SER B 200 -25.94 -23.28 22.08
CA SER B 200 -25.96 -22.17 23.02
C SER B 200 -25.83 -20.81 22.35
N GLY B 201 -25.77 -20.76 21.02
CA GLY B 201 -25.57 -19.47 20.36
C GLY B 201 -24.19 -18.90 20.57
N VAL B 202 -23.17 -19.74 20.73
CA VAL B 202 -21.81 -19.25 20.91
C VAL B 202 -21.39 -18.42 19.71
N THR B 203 -20.62 -17.37 19.97
CA THR B 203 -20.17 -16.47 18.91
C THR B 203 -18.75 -16.81 18.48
N LYS B 204 -18.37 -16.30 17.30
CA LYS B 204 -16.99 -16.47 16.85
C LYS B 204 -16.01 -15.86 17.83
N LYS B 205 -16.37 -14.69 18.39
CA LYS B 205 -15.50 -14.02 19.35
C LYS B 205 -15.28 -14.88 20.58
N GLU B 206 -16.32 -15.58 21.04
CA GLU B 206 -16.18 -16.44 22.20
C GLU B 206 -15.23 -17.61 21.91
N ILE B 207 -15.36 -18.23 20.74
CA ILE B 207 -14.44 -19.28 20.37
C ILE B 207 -13.02 -18.76 20.29
N ALA B 208 -12.84 -17.61 19.65
CA ALA B 208 -11.51 -16.99 19.48
C ALA B 208 -10.88 -16.64 20.83
N SER B 209 -11.70 -16.45 21.86
CA SER B 209 -11.19 -16.10 23.23
C SER B 209 -10.39 -17.24 23.88
N LEU B 210 -10.53 -18.48 23.39
CA LEU B 210 -9.74 -19.64 23.84
C LEU B 210 -8.26 -19.50 23.48
N THR B 211 -7.91 -18.59 22.58
CA THR B 211 -6.49 -18.28 22.29
C THR B 211 -5.73 -17.92 23.59
N ARG B 212 -6.43 -17.27 24.53
CA ARG B 212 -5.89 -16.91 25.87
C ARG B 212 -5.48 -18.20 26.61
N VAL B 213 -6.30 -19.24 26.48
CA VAL B 213 -6.04 -20.57 27.12
C VAL B 213 -4.83 -21.25 26.45
N VAL B 214 -4.72 -21.14 25.13
CA VAL B 214 -3.58 -21.72 24.44
C VAL B 214 -2.29 -20.99 24.85
N ASN B 215 -2.35 -19.66 24.91
CA ASN B 215 -1.16 -18.90 25.30
C ASN B 215 -0.75 -19.24 26.73
N SER B 216 -1.71 -19.27 27.65
CA SER B 216 -1.39 -19.59 29.04
C SER B 216 -0.76 -20.97 29.13
N ALA B 217 -1.29 -21.93 28.36
CA ALA B 217 -0.77 -23.30 28.42
C ALA B 217 0.62 -23.38 27.81
N TYR B 218 0.86 -22.65 26.71
CA TYR B 218 2.21 -22.56 26.14
C TYR B 218 3.21 -22.06 27.18
N ILE B 219 2.84 -21.05 27.96
CA ILE B 219 3.74 -20.48 28.97
C ILE B 219 4.00 -21.50 30.09
N LYS B 220 3.08 -22.44 30.29
CA LYS B 220 3.28 -23.51 31.26
C LYS B 220 4.07 -24.67 30.68
N GLY B 221 4.53 -24.58 29.43
CA GLY B 221 5.33 -25.61 28.81
C GLY B 221 4.57 -26.64 28.00
N ASP B 222 3.29 -26.42 27.73
CA ASP B 222 2.49 -27.42 27.01
C ASP B 222 2.93 -27.48 25.55
N LEU B 223 3.29 -28.67 25.08
CA LEU B 223 3.84 -28.83 23.75
C LEU B 223 2.77 -28.70 22.67
N VAL B 224 1.59 -29.28 22.90
CA VAL B 224 0.51 -29.14 21.93
C VAL B 224 0.17 -27.67 21.69
N SER B 225 0.12 -26.89 22.78
CA SER B 225 -0.23 -25.47 22.65
C SER B 225 0.85 -24.70 21.88
N LYS B 226 2.11 -24.99 22.16
CA LYS B 226 3.19 -24.38 21.39
C LYS B 226 3.04 -24.68 19.90
N ARG B 227 2.72 -25.94 19.56
CA ARG B 227 2.58 -26.31 18.16
C ARG B 227 1.42 -25.57 17.49
N ILE B 228 0.31 -25.40 18.21
CA ILE B 228 -0.84 -24.67 17.66
C ILE B 228 -0.44 -23.25 17.32
N LEU B 229 0.28 -22.57 18.23
CA LEU B 229 0.72 -21.19 17.98
C LEU B 229 1.72 -21.12 16.82
N LYS B 230 2.67 -22.06 16.78
CA LYS B 230 3.65 -22.07 15.69
C LYS B 230 2.97 -22.25 14.34
N GLU B 231 2.02 -23.17 14.27
CA GLU B 231 1.32 -23.43 13.02
C GLU B 231 0.48 -22.24 12.60
N ALA B 232 -0.14 -21.55 13.56
CA ALA B 232 -0.88 -20.33 13.22
C ALA B 232 0.03 -19.27 12.63
N ALA B 233 1.21 -19.07 13.21
CA ALA B 233 2.19 -18.14 12.66
C ALA B 233 2.55 -18.50 11.23
N ARG B 234 2.71 -19.80 10.95
CA ARG B 234 3.08 -20.23 9.61
C ARG B 234 1.96 -19.93 8.62
N GLU B 235 0.70 -20.16 9.01
CA GLU B 235 -0.42 -19.82 8.15
C GLU B 235 -0.44 -18.33 7.83
N LEU B 236 -0.18 -17.49 8.84
CA LEU B 236 -0.15 -16.05 8.61
C LEU B 236 0.99 -15.68 7.67
N PHE B 237 2.15 -16.29 7.86
CA PHE B 237 3.24 -16.08 6.93
C PHE B 237 2.85 -16.48 5.50
N LEU B 238 2.21 -17.64 5.34
CA LEU B 238 1.80 -18.05 3.99
C LEU B 238 0.94 -16.99 3.33
N SER B 239 0.08 -16.33 4.09
CA SER B 239 -0.79 -15.31 3.50
C SER B 239 0.04 -14.12 2.99
N VAL B 240 1.12 -13.77 3.70
CA VAL B 240 2.02 -12.72 3.24
C VAL B 240 2.79 -13.15 2.00
N LYS B 241 3.38 -14.35 2.03
CA LYS B 241 4.12 -14.85 0.88
C LYS B 241 3.26 -14.79 -0.38
N ALA B 242 1.99 -15.19 -0.28
CA ALA B 242 1.10 -15.14 -1.43
C ALA B 242 0.94 -13.73 -1.97
N VAL B 243 0.64 -12.76 -1.10
CA VAL B 243 0.43 -11.39 -1.54
C VAL B 243 1.71 -10.79 -2.11
N VAL B 244 2.83 -11.00 -1.41
CA VAL B 244 4.12 -10.49 -1.89
C VAL B 244 4.42 -11.01 -3.29
N GLU B 245 4.16 -12.29 -3.54
CA GLU B 245 4.49 -12.86 -4.84
C GLU B 245 3.54 -12.35 -5.93
N VAL B 246 2.25 -12.29 -5.63
CA VAL B 246 1.26 -11.77 -6.58
C VAL B 246 1.59 -10.34 -6.98
N LEU B 247 2.05 -9.53 -6.02
CA LEU B 247 2.35 -8.13 -6.26
C LEU B 247 3.78 -7.89 -6.71
N SER B 248 4.54 -8.96 -6.93
CA SER B 248 5.91 -8.87 -7.44
C SER B 248 6.82 -8.07 -6.52
N MET B 249 6.66 -8.26 -5.20
CA MET B 249 7.44 -7.50 -4.23
C MET B 249 8.46 -8.37 -3.50
N GLN B 250 8.76 -9.56 -4.03
CA GLN B 250 9.72 -10.48 -3.41
C GLN B 250 11.03 -9.80 -3.06
N ASN B 251 11.46 -8.84 -3.89
CA ASN B 251 12.79 -8.25 -3.75
C ASN B 251 12.72 -6.73 -3.64
N LYS B 252 11.60 -6.20 -3.19
CA LYS B 252 11.41 -4.76 -3.11
C LYS B 252 11.23 -4.33 -1.66
N LYS B 253 11.53 -3.06 -1.41
CA LYS B 253 11.26 -2.47 -0.10
C LYS B 253 9.75 -2.53 0.16
N VAL B 254 9.39 -3.08 1.32
CA VAL B 254 8.00 -3.22 1.72
C VAL B 254 7.90 -2.85 3.18
N VAL B 255 6.86 -2.09 3.54
CA VAL B 255 6.49 -1.90 4.94
C VAL B 255 5.29 -2.77 5.25
N LEU B 256 5.39 -3.56 6.31
CA LEU B 256 4.35 -4.48 6.72
C LEU B 256 3.95 -4.18 8.16
N THR B 257 2.65 -4.25 8.45
CA THR B 257 2.17 -4.11 9.81
C THR B 257 1.10 -5.16 10.06
N THR B 258 0.63 -5.21 11.30
CA THR B 258 -0.22 -6.28 11.79
C THR B 258 -1.30 -5.71 12.69
N ALA B 259 -2.51 -6.26 12.56
CA ALA B 259 -3.66 -5.85 13.36
C ALA B 259 -4.33 -7.10 13.91
N GLY B 260 -4.95 -6.95 15.07
CA GLY B 260 -5.73 -8.02 15.65
C GLY B 260 -5.09 -8.55 16.92
N GLY B 261 -5.93 -9.05 17.81
CA GLY B 261 -5.48 -9.43 19.14
C GLY B 261 -4.77 -10.74 19.24
N VAL B 262 -4.67 -11.51 18.15
CA VAL B 262 -3.86 -12.71 18.16
C VAL B 262 -2.43 -12.33 17.80
N ILE B 263 -2.22 -11.85 16.57
CA ILE B 263 -0.87 -11.56 16.10
C ILE B 263 -0.21 -10.49 16.97
N ASN B 264 -0.97 -9.54 17.51
CA ASN B 264 -0.33 -8.44 18.24
C ASN B 264 -0.13 -8.73 19.71
N ASN B 265 -0.74 -9.79 20.25
CA ASN B 265 -0.71 -10.02 21.69
C ASN B 265 0.18 -11.19 22.10
N ILE B 266 0.41 -12.18 21.25
CA ILE B 266 1.07 -13.41 21.66
C ILE B 266 2.53 -13.33 21.25
N ASN B 267 3.44 -13.18 22.22
CA ASN B 267 4.84 -12.96 21.91
C ASN B 267 5.41 -14.04 21.00
N TYR B 268 5.16 -15.32 21.33
CA TYR B 268 5.74 -16.41 20.56
C TYR B 268 5.22 -16.42 19.13
N LEU B 269 3.91 -16.22 18.96
CA LEU B 269 3.34 -16.22 17.62
C LEU B 269 3.87 -15.04 16.81
N TYR B 270 3.91 -13.86 17.40
CA TYR B 270 4.45 -12.69 16.72
C TYR B 270 5.91 -12.92 16.34
N ASP B 271 6.69 -13.51 17.25
CA ASP B 271 8.12 -13.76 16.98
C ASP B 271 8.31 -14.77 15.85
N GLU B 272 7.52 -15.85 15.85
CA GLU B 272 7.64 -16.84 14.78
C GLU B 272 7.27 -16.23 13.45
N PHE B 273 6.19 -15.44 13.42
CA PHE B 273 5.79 -14.75 12.20
C PHE B 273 6.91 -13.84 11.69
N ARG B 274 7.49 -13.02 12.58
CA ARG B 274 8.59 -12.14 12.20
C ARG B 274 9.79 -12.93 11.68
N LYS B 275 10.09 -14.07 12.31
CA LYS B 275 11.23 -14.87 11.88
C LYS B 275 11.03 -15.38 10.46
N PHE B 276 9.82 -15.84 10.13
CA PHE B 276 9.54 -16.26 8.77
C PHE B 276 9.76 -15.12 7.78
N LEU B 277 9.27 -13.92 8.11
CA LEU B 277 9.46 -12.78 7.22
C LEU B 277 10.93 -12.45 7.04
N ASN B 278 11.67 -12.42 8.14
CA ASN B 278 13.08 -12.06 8.10
C ASN B 278 13.88 -13.10 7.33
N LEU B 279 13.47 -14.36 7.38
CA LEU B 279 14.15 -15.41 6.64
C LEU B 279 14.01 -15.20 5.14
N ASN B 280 12.81 -14.85 4.70
CA ASN B 280 12.45 -14.87 3.28
C ASN B 280 12.61 -13.54 2.57
N TYR B 281 12.51 -12.42 3.28
CA TYR B 281 12.38 -11.09 2.66
C TYR B 281 13.30 -10.09 3.33
N PRO B 282 14.56 -9.98 2.87
CA PRO B 282 15.50 -9.01 3.47
C PRO B 282 14.96 -7.58 3.50
N LYS B 283 14.12 -7.21 2.55
CA LYS B 283 13.69 -5.83 2.38
C LYS B 283 12.31 -5.54 2.96
N VAL B 284 11.67 -6.50 3.63
CA VAL B 284 10.41 -6.22 4.34
C VAL B 284 10.73 -5.65 5.71
N LYS B 285 10.20 -4.47 6.00
CA LYS B 285 10.33 -3.81 7.30
C LYS B 285 9.00 -3.95 8.03
N ILE B 286 9.05 -4.49 9.24
CA ILE B 286 7.86 -4.69 10.07
C ILE B 286 7.75 -3.56 11.08
N ILE B 287 6.57 -2.95 11.16
CA ILE B 287 6.32 -1.83 12.08
C ILE B 287 5.01 -2.06 12.82
N SER B 288 4.84 -1.32 13.92
CA SER B 288 3.55 -1.30 14.60
C SER B 288 2.62 -0.33 13.89
N MET B 289 1.33 -0.47 14.15
CA MET B 289 0.38 0.49 13.56
C MET B 289 0.43 1.85 14.23
N LYS B 290 0.48 2.90 13.40
CA LYS B 290 0.55 4.27 13.93
C LYS B 290 -0.77 4.70 14.55
N ASN B 291 -1.90 4.20 14.04
CA ASN B 291 -3.23 4.53 14.54
C ASN B 291 -4.09 3.29 14.38
N ASP B 292 -5.27 3.31 15.01
CA ASP B 292 -6.18 2.18 14.87
C ASP B 292 -6.94 2.22 13.54
N SER B 293 -7.70 1.16 13.30
CA SER B 293 -8.40 1.01 12.03
C SER B 293 -9.49 2.06 11.85
N ALA B 294 -10.21 2.41 12.93
CA ALA B 294 -11.22 3.45 12.82
C ALA B 294 -10.60 4.77 12.37
N PHE B 295 -9.41 5.09 12.86
CA PHE B 295 -8.73 6.29 12.38
C PHE B 295 -8.31 6.13 10.92
N GLY B 296 -7.92 4.92 10.52
CA GLY B 296 -7.66 4.68 9.11
C GLY B 296 -8.87 5.00 8.25
N ALA B 297 -10.07 4.64 8.71
CA ALA B 297 -11.27 4.99 7.96
C ALA B 297 -11.48 6.50 7.92
N VAL B 298 -11.14 7.19 9.01
CA VAL B 298 -11.15 8.66 9.03
C VAL B 298 -10.21 9.21 7.96
N ILE B 299 -9.01 8.64 7.82
CA ILE B 299 -8.06 9.08 6.80
C ILE B 299 -8.65 8.90 5.42
N ILE B 300 -9.21 7.73 5.16
CA ILE B 300 -9.75 7.48 3.82
C ILE B 300 -10.91 8.43 3.53
N ALA B 301 -11.78 8.67 4.52
CA ALA B 301 -12.91 9.58 4.32
C ALA B 301 -12.43 11.01 4.09
N ARG B 302 -11.56 11.51 4.98
CA ARG B 302 -11.13 12.90 4.89
C ARG B 302 -10.30 13.16 3.64
N SER B 303 -9.57 12.15 3.19
CA SER B 303 -8.71 12.34 2.02
C SER B 303 -9.52 12.57 0.76
N GLU B 304 -10.79 12.14 0.76
CA GLU B 304 -11.68 12.39 -0.37
C GLU B 304 -12.35 13.75 -0.30
N CYS B 305 -12.11 14.52 0.75
CA CYS B 305 -12.67 15.85 0.92
C CYS B 305 -11.64 16.90 0.55
N ASP B 306 -12.10 18.06 0.12
CA ASP B 306 -11.22 19.12 -0.35
C ASP B 306 -10.24 19.58 0.72
C1 AMU C . 12.53 14.21 -14.49
C2 AMU C . 13.22 13.73 -15.76
C3 AMU C . 12.29 13.04 -16.70
C4 AMU C . 11.58 11.90 -16.03
C5 AMU C . 10.85 12.41 -14.79
C6 AMU C . 10.13 11.32 -14.06
C7 AMU C . 15.17 15.24 -16.50
C8 AMU C . 15.58 16.47 -17.31
C9 AMU C . 12.49 12.93 -19.13
C10 AMU C . 13.49 13.76 -19.92
C11 AMU C . 12.24 11.65 -19.93
O1 AMU C . 13.44 14.64 -13.59
O3 AMU C . 13.04 12.57 -17.88
O4 AMU C . 10.60 11.38 -16.94
O5 AMU C . 11.85 13.02 -13.91
O6 AMU C . 11.07 10.36 -13.61
O7 AMU C . 15.98 14.62 -15.90
O10 AMU C . 14.73 13.55 -19.83
O11 AMU C . 13.09 14.66 -20.69
N2 AMU C . 13.75 14.92 -16.50
O1 MES D . 23.59 14.14 4.16
C2 MES D . 23.13 12.88 4.67
C3 MES D . 23.89 11.72 4.02
N4 MES D . 23.91 11.88 2.56
C5 MES D . 24.19 13.20 2.00
C6 MES D . 23.37 14.22 2.76
C7 MES D . 24.45 10.72 1.86
C8 MES D . 23.88 10.67 0.45
S MES D . 24.09 9.12 -0.13
O1S MES D . 24.02 8.16 0.99
O2S MES D . 23.04 8.79 -1.12
O3S MES D . 25.41 9.03 -0.80
C1 AMU E . -12.80 -12.99 7.76
C2 AMU E . -13.58 -12.15 6.76
C3 AMU E . -12.69 -11.14 6.09
C4 AMU E . -11.93 -10.30 7.08
C5 AMU E . -11.12 -11.20 8.01
C6 AMU E . -10.33 -10.45 9.04
C7 AMU E . -15.47 -13.44 5.52
C8 AMU E . -16.43 -12.92 6.53
C9 AMU E . -13.07 -10.17 3.90
C10 AMU E . -14.12 -10.67 2.92
C11 AMU E . -12.79 -8.71 3.58
O1 AMU E . -13.65 -13.74 8.51
O3 AMU E . -13.52 -10.28 5.24
O4 AMU E . -10.99 -9.48 6.37
O5 AMU E . -12.05 -12.11 8.70
O6 AMU E . -11.17 -9.70 9.88
O7 AMU E . -15.82 -14.14 4.60
O10 AMU E . -15.34 -10.55 3.17
O11 AMU E . -13.78 -11.22 1.84
N2 AMU E . -14.09 -13.04 5.67
#